data_1T7S
#
_entry.id   1T7S
#
_cell.length_a   75.518
_cell.length_b   86.164
_cell.length_c   125.490
_cell.angle_alpha   90.00
_cell.angle_beta   90.00
_cell.angle_gamma   90.00
#
_symmetry.space_group_name_H-M   'I 2 2 2'
#
loop_
_entity.id
_entity.type
_entity.pdbx_description
1 polymer 'BAG-1 cochaperone'
2 water water
#
_entity_poly.entity_id   1
_entity_poly.type   'polypeptide(L)'
_entity_poly.pdbx_seq_one_letter_code
;DKIIV(MSE)GGKNALVDDAGFK(MSE)L(MSE)QYEKHNLSNLQKAYDLNLRDVADLERGFLEKPKQVE(MSE)GKKLE
KKVKYFNEEAERHLETLDG(MSE)NIITETTPENQAKRNREKRKTLVNGIQTLLNQNDALLRRLQEYQSVLNGDIPE
;
_entity_poly.pdbx_strand_id   A,B
#
# COMPACT_ATOMS: atom_id res chain seq x y z
N ASP A 1 -18.04 10.85 36.55
CA ASP A 1 -18.16 9.41 36.20
C ASP A 1 -16.93 8.60 36.58
N LYS A 2 -16.22 8.04 35.60
CA LYS A 2 -15.05 7.23 35.92
C LYS A 2 -13.87 7.04 34.95
N ILE A 3 -13.14 5.97 35.27
CA ILE A 3 -11.91 5.42 34.68
C ILE A 3 -11.50 5.30 33.21
N ILE A 4 -10.29 5.81 32.93
CA ILE A 4 -9.65 5.74 31.62
C ILE A 4 -8.15 5.71 31.87
N VAL A 5 -7.43 4.77 31.26
CA VAL A 5 -5.98 4.75 31.48
C VAL A 5 -5.18 4.18 30.30
N GLY A 7 -1.38 4.12 28.49
CA GLY A 7 0.03 4.33 28.71
C GLY A 7 0.63 4.56 27.35
N GLY A 8 -0.24 4.74 26.36
CA GLY A 8 0.21 4.96 25.00
C GLY A 8 0.08 3.67 24.20
N LYS A 9 0.27 2.55 24.89
CA LYS A 9 0.17 1.23 24.28
C LYS A 9 -1.25 0.69 24.38
N ASN A 10 -1.49 -0.09 25.44
CA ASN A 10 -2.79 -0.68 25.72
C ASN A 10 -3.61 0.30 26.58
N ALA A 11 -4.94 0.18 26.56
CA ALA A 11 -5.78 1.08 27.34
C ALA A 11 -6.78 0.38 28.27
N LEU A 12 -6.89 0.88 29.49
CA LEU A 12 -7.82 0.31 30.45
C LEU A 12 -8.99 1.27 30.49
N VAL A 13 -10.17 0.72 30.39
CA VAL A 13 -11.37 1.54 30.34
C VAL A 13 -12.54 0.82 31.03
N ASP A 14 -13.45 1.58 31.62
CA ASP A 14 -14.62 1.00 32.25
C ASP A 14 -15.81 1.49 31.42
N ASP A 15 -17.02 1.06 31.76
CA ASP A 15 -18.19 1.47 30.98
C ASP A 15 -18.23 2.93 30.55
N ALA A 16 -18.23 3.84 31.51
CA ALA A 16 -18.28 5.26 31.18
C ALA A 16 -17.04 5.69 30.45
N GLY A 17 -15.93 5.01 30.73
CA GLY A 17 -14.68 5.33 30.07
C GLY A 17 -14.77 4.93 28.61
N PHE A 18 -15.30 3.74 28.38
CA PHE A 18 -15.47 3.22 27.03
C PHE A 18 -16.44 4.10 26.25
N LYS A 19 -17.57 4.44 26.84
CA LYS A 19 -18.50 5.29 26.12
C LYS A 19 -17.80 6.57 25.75
N LEU A 21 -14.47 7.34 25.22
CA LEU A 21 -13.55 7.19 24.10
C LEU A 21 -14.24 6.92 22.77
N GLN A 23 -16.86 8.03 21.98
CA GLN A 23 -17.35 9.36 21.61
C GLN A 23 -16.20 10.00 20.81
N TYR A 24 -15.09 10.23 21.51
CA TYR A 24 -13.87 10.85 20.95
C TYR A 24 -13.40 10.19 19.65
N GLU A 25 -13.47 8.87 19.57
CA GLU A 25 -13.04 8.19 18.37
C GLU A 25 -14.06 8.34 17.23
N LYS A 26 -15.34 8.28 17.57
CA LYS A 26 -16.37 8.42 16.54
C LYS A 26 -16.17 9.78 15.89
N HIS A 27 -15.93 10.79 16.72
CA HIS A 27 -15.73 12.14 16.25
C HIS A 27 -14.47 12.23 15.38
N ASN A 28 -13.41 11.62 15.88
CA ASN A 28 -12.14 11.61 15.19
C ASN A 28 -12.32 11.02 13.79
N LEU A 29 -13.18 10.01 13.68
CA LEU A 29 -13.43 9.38 12.38
C LEU A 29 -14.11 10.36 11.46
N SER A 30 -15.06 11.10 12.00
CA SER A 30 -15.81 12.08 11.26
C SER A 30 -14.85 13.15 10.71
N ASN A 31 -13.81 13.44 11.48
CA ASN A 31 -12.85 14.43 11.03
C ASN A 31 -12.02 13.81 9.93
N LEU A 32 -11.77 12.52 10.03
CA LEU A 32 -10.97 11.86 9.01
C LEU A 32 -11.74 11.80 7.70
N GLN A 33 -13.05 11.58 7.78
CA GLN A 33 -13.85 11.54 6.57
C GLN A 33 -13.87 12.92 5.93
N LYS A 34 -13.83 13.96 6.74
CA LYS A 34 -13.82 15.31 6.19
C LYS A 34 -12.47 15.57 5.53
N ALA A 35 -11.40 15.20 6.21
CA ALA A 35 -10.06 15.37 5.68
C ALA A 35 -9.92 14.63 4.36
N TYR A 36 -10.46 13.42 4.29
CA TYR A 36 -10.39 12.63 3.08
C TYR A 36 -11.13 13.27 1.95
N ASP A 37 -12.32 13.78 2.26
CA ASP A 37 -13.14 14.41 1.23
C ASP A 37 -12.42 15.59 0.60
N LEU A 38 -11.76 16.40 1.43
CA LEU A 38 -11.05 17.56 0.94
C LEU A 38 -9.86 17.18 0.06
N ASN A 39 -9.17 16.09 0.40
CA ASN A 39 -8.02 15.65 -0.40
C ASN A 39 -8.46 14.96 -1.69
N LEU A 40 -9.56 14.22 -1.61
CA LEU A 40 -10.07 13.54 -2.81
C LEU A 40 -10.41 14.63 -3.84
N ARG A 41 -10.93 15.76 -3.35
CA ARG A 41 -11.30 16.89 -4.19
C ARG A 41 -10.08 17.58 -4.78
N ASP A 42 -9.21 18.11 -3.92
CA ASP A 42 -8.00 18.79 -4.38
C ASP A 42 -7.26 17.96 -5.41
N VAL A 43 -7.12 16.67 -5.15
CA VAL A 43 -6.44 15.77 -6.07
C VAL A 43 -7.16 15.81 -7.40
N ALA A 44 -8.49 15.79 -7.34
CA ALA A 44 -9.33 15.83 -8.52
C ALA A 44 -9.13 17.12 -9.30
N ASP A 45 -8.88 18.22 -8.60
CA ASP A 45 -8.65 19.49 -9.28
C ASP A 45 -7.30 19.37 -9.96
N LEU A 46 -6.25 19.37 -9.15
CA LEU A 46 -4.88 19.25 -9.63
C LEU A 46 -4.81 18.41 -10.90
N GLU A 47 -5.58 17.32 -10.94
CA GLU A 47 -5.60 16.45 -12.12
C GLU A 47 -5.98 17.24 -13.37
N ARG A 48 -7.05 18.01 -13.28
CA ARG A 48 -7.51 18.82 -14.41
C ARG A 48 -6.33 19.44 -15.15
N GLY A 49 -5.58 20.31 -14.48
CA GLY A 49 -4.44 20.95 -15.09
C GLY A 49 -4.58 22.45 -15.23
N PHE A 50 -5.35 23.06 -14.34
CA PHE A 50 -5.58 24.50 -14.36
C PHE A 50 -4.33 25.35 -14.14
N LEU A 51 -3.59 25.54 -15.23
CA LEU A 51 -2.38 26.38 -15.26
C LEU A 51 -1.20 26.11 -14.32
N GLU A 52 -0.08 26.73 -14.71
CA GLU A 52 1.21 26.69 -14.02
C GLU A 52 1.69 25.33 -13.56
N LYS A 53 2.38 24.62 -14.45
CA LYS A 53 2.92 23.30 -14.17
C LYS A 53 3.74 23.25 -12.86
N PRO A 54 4.65 24.23 -12.65
CA PRO A 54 5.44 24.23 -11.41
C PRO A 54 4.59 24.36 -10.15
N LYS A 55 3.49 25.11 -10.24
CA LYS A 55 2.60 25.29 -9.10
C LYS A 55 1.84 24.00 -8.81
N GLN A 56 1.57 23.23 -9.87
CA GLN A 56 0.85 21.98 -9.72
C GLN A 56 1.73 20.94 -8.99
N VAL A 57 3.00 20.87 -9.37
CA VAL A 57 3.96 19.97 -8.75
C VAL A 57 4.10 20.25 -7.25
N GLU A 58 4.16 21.54 -6.90
CA GLU A 58 4.26 21.95 -5.51
C GLU A 58 2.97 21.57 -4.78
N GLY A 60 0.83 18.98 -5.63
CA GLY A 60 0.86 17.55 -5.41
C GLY A 60 1.70 17.24 -4.18
N LYS A 61 2.81 17.95 -4.05
CA LYS A 61 3.71 17.78 -2.92
C LYS A 61 2.92 17.91 -1.63
N LYS A 62 2.38 19.11 -1.39
CA LYS A 62 1.60 19.36 -0.19
C LYS A 62 0.54 18.28 0.02
N LEU A 63 -0.18 17.96 -1.04
CA LEU A 63 -1.21 16.92 -0.97
C LEU A 63 -0.64 15.56 -0.57
N GLU A 64 0.37 15.10 -1.30
CA GLU A 64 0.98 13.82 -1.00
C GLU A 64 1.47 13.80 0.45
N LYS A 65 1.83 14.97 0.96
CA LYS A 65 2.28 15.09 2.34
C LYS A 65 1.06 14.86 3.23
N LYS A 66 -0.04 15.52 2.86
CA LYS A 66 -1.30 15.42 3.59
C LYS A 66 -1.87 14.00 3.61
N VAL A 67 -1.99 13.35 2.46
CA VAL A 67 -2.52 11.98 2.45
C VAL A 67 -1.69 11.11 3.38
N LYS A 68 -0.37 11.19 3.26
CA LYS A 68 0.51 10.40 4.12
C LYS A 68 0.20 10.65 5.58
N TYR A 69 0.16 11.92 5.97
CA TYR A 69 -0.15 12.29 7.34
C TYR A 69 -1.46 11.63 7.77
N PHE A 70 -2.46 11.71 6.90
CA PHE A 70 -3.78 11.13 7.12
C PHE A 70 -3.63 9.65 7.52
N ASN A 71 -2.86 8.94 6.70
CA ASN A 71 -2.60 7.53 6.90
C ASN A 71 -2.00 7.29 8.29
N GLU A 72 -1.18 8.21 8.78
CA GLU A 72 -0.60 8.03 10.10
C GLU A 72 -1.66 8.15 11.17
N GLU A 73 -2.50 9.17 11.05
CA GLU A 73 -3.58 9.39 12.01
C GLU A 73 -4.46 8.15 12.06
N ALA A 74 -5.08 7.83 10.93
CA ALA A 74 -5.97 6.69 10.79
C ALA A 74 -5.45 5.43 11.48
N GLU A 75 -4.18 5.09 11.19
CA GLU A 75 -3.57 3.91 11.77
C GLU A 75 -3.39 4.00 13.29
N ARG A 76 -3.02 5.18 13.76
CA ARG A 76 -2.82 5.40 15.19
C ARG A 76 -4.12 5.17 15.94
N HIS A 77 -5.21 5.73 15.42
CA HIS A 77 -6.51 5.57 16.04
C HIS A 77 -7.00 4.13 16.04
N LEU A 78 -6.73 3.42 14.95
CA LEU A 78 -7.13 2.03 14.86
C LEU A 78 -6.30 1.22 15.85
N GLU A 79 -5.07 1.66 16.07
CA GLU A 79 -4.21 0.96 16.99
C GLU A 79 -4.87 1.10 18.35
N THR A 80 -5.46 2.27 18.58
CA THR A 80 -6.11 2.57 19.84
C THR A 80 -7.31 1.69 20.09
N LEU A 81 -8.22 1.65 19.12
CA LEU A 81 -9.43 0.85 19.25
C LEU A 81 -9.10 -0.59 19.57
N ASP A 82 -8.04 -1.10 18.95
CA ASP A 82 -7.64 -2.48 19.15
C ASP A 82 -6.98 -2.84 20.48
N GLY A 83 -6.38 -1.85 21.14
CA GLY A 83 -5.73 -2.11 22.40
C GLY A 83 -6.54 -1.50 23.52
N ASN A 85 -9.10 -2.37 26.38
CA ASN A 85 -9.75 -3.37 27.21
C ASN A 85 -10.75 -2.76 28.20
N ILE A 86 -11.87 -3.45 28.39
CA ILE A 86 -12.86 -2.96 29.33
C ILE A 86 -12.66 -3.64 30.68
N ILE A 87 -12.56 -2.84 31.74
CA ILE A 87 -12.37 -3.35 33.08
C ILE A 87 -13.62 -3.11 33.92
N THR A 88 -13.72 -3.85 35.01
CA THR A 88 -14.82 -3.73 35.96
C THR A 88 -14.15 -3.80 37.32
N GLU A 89 -14.38 -2.79 38.16
CA GLU A 89 -13.79 -2.75 39.49
C GLU A 89 -14.67 -3.32 40.58
N THR A 90 -14.07 -4.19 41.40
CA THR A 90 -14.76 -4.81 42.51
C THR A 90 -14.20 -4.29 43.83
N THR A 91 -15.11 -3.81 44.67
CA THR A 91 -14.80 -3.24 45.96
C THR A 91 -14.37 -4.23 47.03
N PRO A 92 -13.48 -3.79 47.95
CA PRO A 92 -12.95 -4.61 49.05
C PRO A 92 -13.96 -5.58 49.64
N GLU A 93 -15.06 -5.03 50.12
CA GLU A 93 -16.13 -5.81 50.76
C GLU A 93 -16.87 -6.76 49.81
N ASN A 94 -16.60 -6.67 48.51
CA ASN A 94 -17.25 -7.53 47.53
C ASN A 94 -16.24 -8.42 46.81
N GLN A 95 -15.13 -8.71 47.45
CA GLN A 95 -14.12 -9.53 46.84
C GLN A 95 -14.17 -10.98 47.32
N ALA A 96 -13.43 -11.85 46.66
CA ALA A 96 -13.42 -13.26 47.01
C ALA A 96 -12.91 -13.48 48.43
N LYS A 97 -13.46 -14.49 49.11
CA LYS A 97 -13.05 -14.82 50.47
C LYS A 97 -11.54 -14.76 50.62
N ARG A 98 -10.84 -15.39 49.67
CA ARG A 98 -9.38 -15.43 49.68
C ARG A 98 -8.76 -14.06 49.79
N ASN A 99 -9.35 -13.10 49.09
CA ASN A 99 -8.82 -11.75 49.11
C ASN A 99 -9.26 -11.03 50.38
N ARG A 100 -10.52 -11.20 50.76
CA ARG A 100 -11.01 -10.55 51.96
C ARG A 100 -10.18 -10.97 53.16
N GLU A 101 -9.93 -12.27 53.29
CA GLU A 101 -9.15 -12.77 54.39
C GLU A 101 -7.75 -12.16 54.40
N LYS A 102 -7.15 -12.01 53.23
CA LYS A 102 -5.80 -11.43 53.16
C LYS A 102 -5.78 -9.99 53.66
N ARG A 103 -6.77 -9.20 53.27
CA ARG A 103 -6.86 -7.81 53.70
C ARG A 103 -7.14 -7.73 55.18
N LYS A 104 -8.16 -8.47 55.63
CA LYS A 104 -8.56 -8.47 57.03
C LYS A 104 -7.38 -8.77 57.94
N THR A 105 -6.63 -9.80 57.61
CA THR A 105 -5.48 -10.14 58.41
C THR A 105 -4.67 -8.87 58.66
N LEU A 106 -4.44 -8.12 57.58
CA LEU A 106 -3.67 -6.89 57.65
C LEU A 106 -4.37 -5.70 58.31
N VAL A 107 -5.65 -5.52 58.03
CA VAL A 107 -6.40 -4.43 58.65
C VAL A 107 -6.40 -4.67 60.15
N ASN A 108 -6.78 -5.87 60.56
CA ASN A 108 -6.78 -6.21 61.97
C ASN A 108 -5.37 -6.00 62.51
N GLY A 109 -4.40 -6.41 61.71
CA GLY A 109 -3.02 -6.25 62.12
C GLY A 109 -2.69 -4.80 62.41
N ILE A 110 -3.06 -3.91 61.49
CA ILE A 110 -2.78 -2.48 61.64
C ILE A 110 -3.63 -1.89 62.77
N GLN A 111 -4.90 -2.25 62.79
CA GLN A 111 -5.79 -1.76 63.82
C GLN A 111 -5.29 -2.06 65.21
N THR A 112 -4.77 -3.27 65.42
CA THR A 112 -4.24 -3.62 66.72
C THR A 112 -3.07 -2.70 67.07
N LEU A 113 -2.22 -2.43 66.09
CA LEU A 113 -1.07 -1.58 66.34
C LEU A 113 -1.41 -0.14 66.66
N LEU A 114 -2.52 0.37 66.15
CA LEU A 114 -2.91 1.74 66.46
C LEU A 114 -3.39 1.81 67.90
N ASN A 115 -4.02 0.73 68.37
CA ASN A 115 -4.52 0.67 69.72
C ASN A 115 -3.34 0.65 70.65
N GLN A 116 -2.43 -0.27 70.39
CA GLN A 116 -1.23 -0.43 71.19
C GLN A 116 -0.35 0.80 71.17
N ASN A 117 -0.28 1.47 70.02
CA ASN A 117 0.53 2.66 69.88
C ASN A 117 -0.10 3.80 70.65
N ASP A 118 -1.42 3.81 70.68
CA ASP A 118 -2.16 4.83 71.41
C ASP A 118 -1.79 4.73 72.89
N ALA A 119 -1.96 3.52 73.41
CA ALA A 119 -1.68 3.21 74.79
C ALA A 119 -0.25 3.59 75.15
N LEU A 120 0.65 3.34 74.21
CA LEU A 120 2.06 3.64 74.37
C LEU A 120 2.24 5.13 74.49
N LEU A 121 1.57 5.88 73.63
CA LEU A 121 1.68 7.33 73.66
C LEU A 121 1.21 7.87 75.00
N ARG A 122 0.07 7.37 75.46
CA ARG A 122 -0.45 7.85 76.72
C ARG A 122 0.39 7.39 77.91
N ARG A 123 1.18 6.32 77.73
CA ARG A 123 2.03 5.84 78.82
C ARG A 123 3.21 6.81 78.84
N LEU A 124 3.64 7.18 77.64
CA LEU A 124 4.75 8.10 77.43
C LEU A 124 4.44 9.50 77.96
N GLN A 125 3.27 10.01 77.61
CA GLN A 125 2.85 11.36 78.02
C GLN A 125 2.54 11.44 79.51
N GLU A 126 2.24 10.30 80.12
CA GLU A 126 1.98 10.30 81.54
C GLU A 126 3.33 10.49 82.21
N TYR A 127 4.12 9.43 82.24
CA TYR A 127 5.45 9.46 82.85
C TYR A 127 6.10 10.83 82.80
N GLN A 128 6.29 11.35 81.59
CA GLN A 128 6.91 12.67 81.42
C GLN A 128 6.02 13.79 81.94
N SER A 129 5.35 13.57 83.07
CA SER A 129 4.48 14.58 83.66
C SER A 129 4.83 14.85 85.13
N ASP B 1 4.17 4.00 -39.76
CA ASP B 1 5.38 3.54 -39.00
C ASP B 1 5.37 3.89 -37.51
N LYS B 2 4.88 2.95 -36.70
CA LYS B 2 4.83 3.06 -35.24
C LYS B 2 5.28 1.68 -34.80
N ILE B 3 6.58 1.46 -34.89
CA ILE B 3 7.25 0.20 -34.61
C ILE B 3 7.41 -0.39 -33.21
N ILE B 4 6.81 -1.56 -33.01
CA ILE B 4 6.89 -2.31 -31.76
C ILE B 4 6.99 -3.77 -32.14
N VAL B 5 8.01 -4.46 -31.65
CA VAL B 5 8.15 -5.88 -31.93
C VAL B 5 8.83 -6.57 -30.76
N GLY B 7 9.25 -10.47 -28.55
CA GLY B 7 9.03 -11.90 -28.43
C GLY B 7 8.77 -12.10 -26.96
N GLY B 8 9.67 -12.81 -26.29
CA GLY B 8 9.49 -13.03 -24.87
C GLY B 8 9.92 -11.78 -24.12
N LYS B 9 11.05 -11.88 -23.43
CA LYS B 9 11.61 -10.76 -22.66
C LYS B 9 12.21 -9.67 -23.55
N ASN B 10 12.67 -10.05 -24.73
CA ASN B 10 13.29 -9.13 -25.68
C ASN B 10 12.31 -8.23 -26.42
N ALA B 11 12.79 -7.06 -26.87
CA ALA B 11 11.92 -6.15 -27.59
C ALA B 11 12.63 -5.06 -28.38
N LEU B 12 12.14 -4.84 -29.60
CA LEU B 12 12.68 -3.82 -30.47
C LEU B 12 11.58 -2.78 -30.53
N VAL B 13 11.97 -1.52 -30.52
CA VAL B 13 10.97 -0.47 -30.53
C VAL B 13 11.58 0.82 -31.06
N ASP B 14 10.78 1.63 -31.75
CA ASP B 14 11.27 2.90 -32.27
C ASP B 14 10.75 3.95 -31.29
N ASP B 15 11.12 5.21 -31.47
CA ASP B 15 10.67 6.24 -30.54
C ASP B 15 9.19 6.20 -30.20
N ALA B 16 8.35 6.19 -31.23
CA ALA B 16 6.90 6.16 -31.02
C ALA B 16 6.45 4.92 -30.25
N GLY B 17 7.09 3.78 -30.53
CA GLY B 17 6.74 2.55 -29.86
C GLY B 17 7.33 2.49 -28.47
N PHE B 18 8.47 3.17 -28.28
CA PHE B 18 9.09 3.19 -26.98
C PHE B 18 8.15 3.95 -26.05
N LYS B 19 7.58 5.04 -26.55
CA LYS B 19 6.66 5.83 -25.75
C LYS B 19 5.47 4.96 -25.32
N LEU B 21 5.09 1.81 -24.93
CA LEU B 21 5.50 0.89 -23.89
C LEU B 21 5.70 1.52 -22.52
N GLN B 23 4.24 3.98 -21.38
CA GLN B 23 2.92 4.25 -20.85
C GLN B 23 2.34 2.95 -20.34
N TYR B 24 2.39 1.93 -21.18
CA TYR B 24 1.86 0.64 -20.79
C TYR B 24 2.50 0.12 -19.51
N GLU B 25 3.82 0.20 -19.43
CA GLU B 25 4.54 -0.27 -18.26
C GLU B 25 4.16 0.54 -17.04
N LYS B 26 3.86 1.82 -17.25
CA LYS B 26 3.45 2.72 -16.19
C LYS B 26 2.21 2.12 -15.55
N HIS B 27 1.28 1.70 -16.39
CA HIS B 27 0.04 1.09 -15.94
C HIS B 27 0.32 -0.07 -15.00
N ASN B 28 1.13 -1.03 -15.46
CA ASN B 28 1.44 -2.17 -14.61
C ASN B 28 1.99 -1.76 -13.26
N LEU B 29 2.83 -0.72 -13.27
CA LEU B 29 3.41 -0.23 -12.03
C LEU B 29 2.28 0.22 -11.12
N SER B 30 1.24 0.79 -11.72
CA SER B 30 0.09 1.24 -10.95
C SER B 30 -0.66 0.05 -10.34
N ASN B 31 -0.89 -0.98 -11.15
CA ASN B 31 -1.58 -2.17 -10.69
C ASN B 31 -0.78 -2.91 -9.64
N LEU B 32 0.54 -2.91 -9.78
CA LEU B 32 1.39 -3.56 -8.80
C LEU B 32 1.23 -2.82 -7.46
N GLN B 33 1.30 -1.49 -7.51
CA GLN B 33 1.15 -0.67 -6.33
C GLN B 33 -0.19 -0.99 -5.66
N LYS B 34 -1.24 -1.09 -6.48
CA LYS B 34 -2.57 -1.41 -5.96
C LYS B 34 -2.53 -2.79 -5.29
N ALA B 35 -2.08 -3.78 -6.04
CA ALA B 35 -1.98 -5.15 -5.54
C ALA B 35 -1.23 -5.16 -4.20
N TYR B 36 -0.10 -4.46 -4.17
CA TYR B 36 0.69 -4.39 -2.94
C TYR B 36 -0.15 -3.79 -1.83
N ASP B 37 -0.62 -2.57 -2.07
CA ASP B 37 -1.45 -1.86 -1.11
C ASP B 37 -2.49 -2.75 -0.44
N LEU B 38 -3.32 -3.40 -1.25
CA LEU B 38 -4.36 -4.27 -0.72
C LEU B 38 -3.78 -5.40 0.10
N ASN B 39 -2.71 -6.02 -0.40
CA ASN B 39 -2.08 -7.13 0.30
C ASN B 39 -1.50 -6.70 1.65
N LEU B 40 -0.95 -5.50 1.71
CA LEU B 40 -0.36 -4.98 2.96
C LEU B 40 -1.43 -4.75 4.03
N ARG B 41 -2.53 -4.11 3.63
CA ARG B 41 -3.60 -3.86 4.55
C ARG B 41 -4.12 -5.20 5.07
N ASP B 42 -4.26 -6.16 4.17
CA ASP B 42 -4.74 -7.51 4.52
C ASP B 42 -3.83 -8.26 5.51
N VAL B 43 -2.52 -8.21 5.30
CA VAL B 43 -1.63 -8.87 6.23
C VAL B 43 -1.76 -8.15 7.56
N ALA B 44 -1.88 -6.82 7.50
CA ALA B 44 -2.04 -6.01 8.70
C ALA B 44 -3.34 -6.35 9.47
N ASP B 45 -4.41 -6.61 8.74
CA ASP B 45 -5.66 -6.95 9.39
C ASP B 45 -5.66 -8.39 9.89
N LEU B 46 -4.98 -9.27 9.16
CA LEU B 46 -4.89 -10.66 9.54
C LEU B 46 -4.13 -10.74 10.88
N GLU B 47 -3.01 -10.03 10.96
CA GLU B 47 -2.19 -10.00 12.17
C GLU B 47 -2.99 -9.56 13.40
N ARG B 48 -4.10 -8.88 13.19
CA ARG B 48 -4.92 -8.44 14.32
C ARG B 48 -5.51 -9.62 15.10
N GLY B 49 -5.60 -10.77 14.45
CA GLY B 49 -6.14 -11.95 15.10
C GLY B 49 -7.53 -11.80 15.68
N PHE B 50 -8.51 -11.49 14.83
CA PHE B 50 -9.87 -11.33 15.30
C PHE B 50 -10.82 -12.39 14.74
N LEU B 51 -10.33 -13.62 14.65
CA LEU B 51 -11.17 -14.72 14.15
C LEU B 51 -10.52 -16.07 14.28
N GLU B 52 -11.34 -17.11 14.20
CA GLU B 52 -10.92 -18.50 14.31
C GLU B 52 -9.50 -18.75 13.83
N LYS B 53 -8.63 -19.18 14.75
CA LYS B 53 -7.24 -19.46 14.43
C LYS B 53 -7.11 -20.22 13.11
N PRO B 54 -8.01 -21.19 12.86
CA PRO B 54 -7.97 -21.96 11.61
C PRO B 54 -8.24 -21.10 10.37
N LYS B 55 -9.21 -20.20 10.46
CA LYS B 55 -9.53 -19.34 9.34
C LYS B 55 -8.41 -18.32 9.09
N GLN B 56 -7.62 -18.05 10.13
CA GLN B 56 -6.49 -17.14 10.07
C GLN B 56 -5.36 -17.79 9.29
N VAL B 57 -5.18 -19.08 9.50
CA VAL B 57 -4.15 -19.84 8.80
C VAL B 57 -4.59 -20.01 7.34
N GLU B 58 -5.89 -20.23 7.15
CA GLU B 58 -6.46 -20.41 5.82
C GLU B 58 -6.18 -19.14 5.01
N GLY B 60 -3.90 -16.70 5.81
CA GLY B 60 -2.45 -16.58 5.72
C GLY B 60 -1.89 -17.43 4.60
N LYS B 61 -2.56 -18.55 4.32
CA LYS B 61 -2.13 -19.43 3.25
C LYS B 61 -2.42 -18.68 1.94
N LYS B 62 -3.66 -18.21 1.82
CA LYS B 62 -4.09 -17.48 0.62
C LYS B 62 -3.28 -16.19 0.38
N LEU B 63 -2.91 -15.49 1.43
CA LEU B 63 -2.14 -14.26 1.27
C LEU B 63 -0.77 -14.58 0.68
N GLU B 64 -0.16 -15.62 1.22
CA GLU B 64 1.16 -16.07 0.78
C GLU B 64 1.19 -16.44 -0.69
N LYS B 65 0.06 -16.92 -1.22
CA LYS B 65 -0.02 -17.28 -2.64
C LYS B 65 0.08 -15.99 -3.43
N LYS B 66 -0.68 -15.00 -2.98
CA LYS B 66 -0.75 -13.69 -3.58
C LYS B 66 0.60 -12.99 -3.58
N VAL B 67 1.26 -12.99 -2.43
CA VAL B 67 2.55 -12.33 -2.29
C VAL B 67 3.59 -12.94 -3.22
N LYS B 68 3.62 -14.26 -3.30
CA LYS B 68 4.57 -14.94 -4.18
C LYS B 68 4.24 -14.65 -5.64
N TYR B 69 2.96 -14.72 -6.00
CA TYR B 69 2.54 -14.43 -7.36
C TYR B 69 3.01 -13.03 -7.74
N PHE B 70 2.87 -12.10 -6.80
CA PHE B 70 3.27 -10.72 -7.02
C PHE B 70 4.75 -10.66 -7.39
N ASN B 71 5.54 -11.50 -6.72
CA ASN B 71 6.98 -11.56 -6.97
C ASN B 71 7.21 -11.94 -8.41
N GLU B 72 6.38 -12.85 -8.92
CA GLU B 72 6.47 -13.30 -10.30
C GLU B 72 6.10 -12.16 -11.24
N GLU B 73 4.86 -11.70 -11.12
CA GLU B 73 4.37 -10.60 -11.95
C GLU B 73 5.42 -9.50 -12.06
N ALA B 74 5.85 -9.00 -10.92
CA ALA B 74 6.86 -7.94 -10.91
C ALA B 74 8.09 -8.36 -11.70
N GLU B 75 8.71 -9.46 -11.28
CA GLU B 75 9.91 -9.98 -11.92
C GLU B 75 9.81 -9.89 -13.46
N ARG B 76 8.64 -10.26 -13.98
CA ARG B 76 8.34 -10.25 -15.41
C ARG B 76 8.60 -8.89 -16.06
N HIS B 77 7.79 -7.89 -15.74
CA HIS B 77 7.95 -6.56 -16.32
C HIS B 77 9.34 -5.99 -16.11
N LEU B 78 10.02 -6.46 -15.07
CA LEU B 78 11.36 -6.00 -14.79
C LEU B 78 12.26 -6.50 -15.91
N GLU B 79 11.97 -7.69 -16.41
CA GLU B 79 12.75 -8.27 -17.51
C GLU B 79 12.46 -7.47 -18.76
N THR B 80 11.18 -7.23 -19.01
CA THR B 80 10.76 -6.49 -20.19
C THR B 80 11.44 -5.13 -20.25
N LEU B 81 11.53 -4.45 -19.12
CA LEU B 81 12.16 -3.13 -19.09
C LEU B 81 13.67 -3.23 -19.22
N ASP B 82 14.28 -4.21 -18.55
CA ASP B 82 15.73 -4.38 -18.58
C ASP B 82 16.23 -5.21 -19.76
N GLY B 83 15.57 -5.05 -20.89
CA GLY B 83 15.94 -5.78 -22.10
C GLY B 83 15.07 -5.25 -23.22
N ASN B 85 15.26 -2.70 -26.57
CA ASN B 85 16.17 -1.99 -27.45
C ASN B 85 15.47 -1.04 -28.40
N ILE B 86 16.06 0.14 -28.54
CA ILE B 86 15.50 1.13 -29.45
C ILE B 86 16.15 0.98 -30.82
N ILE B 87 15.30 1.00 -31.85
CA ILE B 87 15.79 0.88 -33.20
C ILE B 87 15.59 2.20 -33.92
N THR B 88 16.30 2.35 -35.02
CA THR B 88 16.20 3.54 -35.84
C THR B 88 15.96 2.95 -37.22
N GLU B 89 15.02 3.54 -37.96
CA GLU B 89 14.67 3.01 -39.27
C GLU B 89 15.20 3.85 -40.45
N THR B 90 15.81 3.19 -41.43
CA THR B 90 16.35 3.90 -42.59
C THR B 90 15.77 3.37 -43.90
N THR B 91 15.05 4.22 -44.62
CA THR B 91 14.46 3.81 -45.88
C THR B 91 15.53 3.59 -46.96
N PRO B 92 15.20 2.83 -48.01
CA PRO B 92 16.08 2.48 -49.13
C PRO B 92 16.94 3.59 -49.72
N GLU B 93 16.32 4.71 -50.10
CA GLU B 93 17.06 5.83 -50.69
C GLU B 93 17.98 6.56 -49.72
N ASN B 94 17.89 6.24 -48.44
CA ASN B 94 18.70 6.90 -47.44
C ASN B 94 19.77 5.98 -46.87
N GLN B 95 19.83 4.77 -47.39
CA GLN B 95 20.79 3.77 -46.91
C GLN B 95 22.19 3.95 -47.53
N ALA B 96 23.19 3.31 -46.95
CA ALA B 96 24.56 3.42 -47.44
C ALA B 96 24.71 2.95 -48.88
N LYS B 97 25.73 3.50 -49.55
CA LYS B 97 26.06 3.18 -50.95
C LYS B 97 26.18 1.69 -51.21
N ARG B 98 27.03 1.00 -50.43
CA ARG B 98 27.22 -0.43 -50.61
C ARG B 98 25.92 -1.21 -50.44
N ASN B 99 24.95 -0.62 -49.75
CA ASN B 99 23.67 -1.28 -49.57
C ASN B 99 22.71 -0.89 -50.67
N ARG B 100 22.88 0.30 -51.21
CA ARG B 100 22.01 0.79 -52.27
C ARG B 100 22.28 0.10 -53.58
N GLU B 101 23.55 0.06 -53.98
CA GLU B 101 23.91 -0.55 -55.24
C GLU B 101 23.64 -2.06 -55.21
N LYS B 102 23.63 -2.65 -54.03
CA LYS B 102 23.35 -4.07 -53.91
C LYS B 102 21.86 -4.33 -54.21
N ARG B 103 20.99 -3.49 -53.66
CA ARG B 103 19.56 -3.63 -53.91
C ARG B 103 19.24 -3.24 -55.35
N LYS B 104 20.04 -2.33 -55.90
CA LYS B 104 19.82 -1.88 -57.28
C LYS B 104 20.03 -3.03 -58.25
N THR B 105 21.12 -3.76 -58.03
CA THR B 105 21.43 -4.91 -58.88
C THR B 105 20.17 -5.75 -58.97
N LEU B 106 19.73 -6.24 -57.81
CA LEU B 106 18.54 -7.07 -57.77
C LEU B 106 17.31 -6.45 -58.43
N VAL B 107 17.06 -5.17 -58.15
CA VAL B 107 15.90 -4.48 -58.71
C VAL B 107 15.92 -4.42 -60.23
N ASN B 108 16.96 -3.80 -60.77
CA ASN B 108 17.10 -3.69 -62.22
C ASN B 108 17.02 -5.11 -62.75
N GLY B 109 17.67 -6.01 -62.04
CA GLY B 109 17.68 -7.41 -62.43
C GLY B 109 16.33 -7.99 -62.77
N ILE B 110 15.42 -8.04 -61.80
CA ILE B 110 14.11 -8.61 -62.06
C ILE B 110 13.32 -7.67 -62.98
N GLN B 111 13.71 -6.41 -62.98
CA GLN B 111 13.02 -5.47 -63.83
C GLN B 111 13.20 -5.91 -65.28
N THR B 112 14.46 -6.02 -65.69
CA THR B 112 14.83 -6.45 -67.03
C THR B 112 14.09 -7.72 -67.44
N LEU B 113 13.96 -8.65 -66.51
CA LEU B 113 13.25 -9.89 -66.80
C LEU B 113 11.81 -9.54 -67.14
N LEU B 114 11.15 -8.82 -66.24
CA LEU B 114 9.76 -8.41 -66.47
C LEU B 114 9.58 -7.84 -67.87
N ASN B 115 10.38 -6.85 -68.21
CA ASN B 115 10.29 -6.25 -69.54
C ASN B 115 10.44 -7.35 -70.58
N GLN B 116 11.45 -8.20 -70.41
CA GLN B 116 11.69 -9.30 -71.34
C GLN B 116 10.50 -10.23 -71.41
N ASN B 117 9.97 -10.57 -70.24
CA ASN B 117 8.84 -11.47 -70.14
C ASN B 117 7.60 -10.85 -70.81
N ASP B 118 7.61 -9.51 -70.95
CA ASP B 118 6.50 -8.79 -71.59
C ASP B 118 6.58 -9.03 -73.08
N ALA B 119 7.73 -8.71 -73.65
CA ALA B 119 7.95 -8.88 -75.08
C ALA B 119 7.61 -10.33 -75.43
N LEU B 120 7.90 -11.22 -74.49
CA LEU B 120 7.67 -12.65 -74.66
C LEU B 120 6.17 -12.95 -74.59
N LEU B 121 5.44 -12.15 -73.83
CA LEU B 121 4.00 -12.34 -73.73
C LEU B 121 3.36 -11.78 -74.98
N ARG B 122 3.89 -10.63 -75.42
CA ARG B 122 3.41 -9.98 -76.63
C ARG B 122 3.59 -11.02 -77.74
N ARG B 123 4.83 -11.46 -77.89
CA ARG B 123 5.19 -12.44 -78.90
C ARG B 123 4.28 -13.67 -78.87
N LEU B 124 4.13 -14.27 -77.69
CA LEU B 124 3.29 -15.45 -77.54
C LEU B 124 1.89 -15.29 -78.12
N GLN B 125 1.20 -14.22 -77.71
CA GLN B 125 -0.17 -13.97 -78.19
C GLN B 125 -0.20 -13.63 -79.68
N GLU B 126 0.73 -12.81 -80.12
CA GLU B 126 0.80 -12.43 -81.52
C GLU B 126 0.79 -13.70 -82.38
N TYR B 127 1.19 -14.81 -81.79
CA TYR B 127 1.23 -16.08 -82.50
C TYR B 127 0.05 -16.99 -82.19
N GLN B 128 -0.63 -16.75 -81.08
CA GLN B 128 -1.75 -17.61 -80.72
C GLN B 128 -2.86 -17.56 -81.77
N SER B 129 -2.65 -16.75 -82.80
CA SER B 129 -3.60 -16.63 -83.91
C SER B 129 -3.22 -17.55 -85.09
#